data_7IIX
#
_entry.id   7IIX
#
_cell.length_a   88.915
_cell.length_b   88.915
_cell.length_c   39.702
_cell.angle_alpha   90.000
_cell.angle_beta   90.000
_cell.angle_gamma   90.000
#
_symmetry.space_group_name_H-M   'P 43'
#
loop_
_entity.id
_entity.type
_entity.pdbx_description
1 polymer 'Non-structural protein 3'
2 non-polymer '(3S)-3-(4-bromophenyl)-3-[(2-methyl-7H-pyrrolo[2,3-d]pyrimidine-4-carbonyl)amino]propanoic acid'
3 non-polymer '(3R)-3-(4-bromophenyl)-3-[(2-methyl-7H-pyrrolo[2,3-d]pyrimidine-4-carbonyl)amino]propanoic acid'
4 water water
#
_entity_poly.entity_id   1
_entity_poly.type   'polypeptide(L)'
_entity_poly.pdbx_seq_one_letter_code
;SMVNSFSGYLKLTDNVYIKNADIVEEAKKVKPTVVVNAANVYLKHGGGVAGALNKATNNAMQVESDDYIATNGPLKVGGS
CVLSGHNLAKHCLHVVGPNVNKGEDIQLLKSAYENFNQHEVLLAPLLSAGIFGADPIHSLRVCVDTVRTNVYLAVFDKNL
YDKLVSSFL
;
_entity_poly.pdbx_strand_id   A,B
#
# COMPACT_ATOMS: atom_id res chain seq x y z
N VAL A 3 -15.91 10.21 16.05
N VAL A 3 -16.02 10.24 16.08
CA VAL A 3 -17.22 9.96 15.42
CA VAL A 3 -17.30 9.99 15.43
C VAL A 3 -17.18 10.35 13.95
C VAL A 3 -17.24 10.37 13.96
N ASN A 4 -17.71 9.48 13.10
CA ASN A 4 -17.81 9.73 11.67
C ASN A 4 -19.21 9.38 11.19
N SER A 5 -19.44 9.56 9.89
CA SER A 5 -20.77 9.56 9.28
C SER A 5 -21.19 8.21 8.73
N PHE A 6 -20.33 7.20 8.77
N PHE A 6 -20.32 7.21 8.77
CA PHE A 6 -20.68 5.88 8.26
CA PHE A 6 -20.69 5.89 8.25
C PHE A 6 -21.78 5.28 9.12
C PHE A 6 -21.78 5.28 9.13
N SER A 7 -22.82 4.75 8.48
CA SER A 7 -24.01 4.28 9.19
C SER A 7 -24.33 2.84 8.78
N GLY A 8 -24.80 2.06 9.76
CA GLY A 8 -25.28 0.72 9.47
C GLY A 8 -24.23 -0.34 9.28
N TYR A 9 -22.98 -0.08 9.65
CA TYR A 9 -21.91 -1.06 9.49
C TYR A 9 -21.87 -2.01 10.67
N LEU A 10 -21.54 -3.27 10.39
CA LEU A 10 -21.23 -4.25 11.41
C LEU A 10 -19.75 -4.12 11.75
N LYS A 11 -19.43 -4.10 13.03
CA LYS A 11 -18.06 -3.99 13.49
C LYS A 11 -17.45 -5.39 13.51
N LEU A 12 -16.38 -5.59 12.74
CA LEU A 12 -15.69 -6.88 12.76
C LEU A 12 -14.55 -6.90 13.77
N THR A 13 -13.77 -5.82 13.84
CA THR A 13 -12.64 -5.71 14.74
C THR A 13 -12.56 -4.29 15.25
N ASP A 14 -11.48 -3.99 15.98
N ASP A 14 -11.45 -3.98 15.93
CA ASP A 14 -11.25 -2.63 16.46
CA ASP A 14 -11.26 -2.64 16.47
C ASP A 14 -11.39 -1.61 15.33
C ASP A 14 -11.23 -1.58 15.38
N ASN A 15 -10.88 -1.94 14.14
CA ASN A 15 -10.74 -0.96 13.07
C ASN A 15 -11.42 -1.31 11.75
N VAL A 16 -12.01 -2.49 11.61
CA VAL A 16 -12.63 -2.94 10.37
C VAL A 16 -14.14 -3.08 10.56
N TYR A 17 -14.89 -2.48 9.63
CA TYR A 17 -16.35 -2.47 9.60
C TYR A 17 -16.80 -2.97 8.23
N ILE A 18 -18.05 -3.43 8.14
N ILE A 18 -17.86 -3.77 8.17
CA ILE A 18 -18.58 -3.97 6.89
CA ILE A 18 -18.24 -4.43 6.92
C ILE A 18 -20.08 -3.70 6.76
C ILE A 18 -19.75 -4.32 6.73
N LYS A 19 -20.52 -3.52 5.51
N LYS A 19 -20.18 -4.21 5.48
CA LYS A 19 -21.92 -3.27 5.19
CA LYS A 19 -21.56 -3.86 5.22
C LYS A 19 -22.23 -3.86 3.82
C LYS A 19 -21.97 -4.21 3.80
N ASN A 20 -23.40 -4.49 3.68
N ASN A 20 -23.29 -4.23 3.58
CA ASN A 20 -23.89 -4.87 2.35
CA ASN A 20 -23.93 -4.49 2.29
C ASN A 20 -24.34 -3.58 1.67
C ASN A 20 -24.50 -3.15 1.83
N ALA A 21 -23.56 -3.10 0.72
N ALA A 21 -23.82 -2.51 0.86
CA ALA A 21 -23.87 -1.82 0.07
CA ALA A 21 -24.30 -1.25 0.31
C ALA A 21 -23.17 -1.72 -1.27
C ALA A 21 -23.52 -0.92 -0.94
N ASP A 22 -23.72 -0.86 -2.13
N ASP A 22 -24.05 0.02 -1.73
CA ASP A 22 -23.08 -0.45 -3.37
CA ASP A 22 -23.43 0.48 -2.96
C ASP A 22 -22.12 0.68 -3.06
C ASP A 22 -22.37 1.53 -2.61
N ILE A 23 -20.83 0.46 -3.30
N ILE A 23 -21.12 1.27 -2.99
CA ILE A 23 -19.82 1.45 -2.93
CA ILE A 23 -20.04 2.18 -2.63
C ILE A 23 -20.07 2.78 -3.60
C ILE A 23 -20.25 3.56 -3.22
N VAL A 24 -20.68 2.78 -4.79
N VAL A 24 -20.89 3.65 -4.38
CA VAL A 24 -21.00 4.03 -5.47
CA VAL A 24 -21.22 4.95 -4.95
C VAL A 24 -22.04 4.82 -4.67
C VAL A 24 -22.25 5.68 -4.10
N GLU A 25 -23.12 4.16 -4.25
N GLU A 25 -23.24 4.95 -3.58
CA GLU A 25 -24.15 4.87 -3.50
CA GLU A 25 -24.23 5.56 -2.69
C GLU A 25 -23.66 5.25 -2.11
C GLU A 25 -23.59 5.98 -1.38
N GLU A 26 -22.82 4.41 -1.52
N GLU A 26 -22.76 5.11 -0.79
CA GLU A 26 -22.24 4.75 -0.22
CA GLU A 26 -22.06 5.48 0.44
C GLU A 26 -21.35 5.98 -0.33
C GLU A 26 -21.18 6.70 0.22
N ALA A 27 -20.51 6.04 -1.38
N ALA A 27 -20.64 6.86 -1.00
CA ALA A 27 -19.64 7.20 -1.55
CA ALA A 27 -19.81 8.01 -1.32
C ALA A 27 -20.46 8.47 -1.76
C ALA A 27 -20.64 9.26 -1.59
N LYS A 28 -21.47 8.42 -2.62
N LYS A 28 -21.85 9.11 -2.16
CA LYS A 28 -22.26 9.62 -2.89
CA LYS A 28 -22.71 10.28 -2.34
C LYS A 28 -22.94 10.13 -1.62
C LYS A 28 -23.31 10.75 -1.03
N LYS A 29 -23.34 9.24 -0.73
N LYS A 29 -23.41 9.87 -0.03
CA LYS A 29 -24.02 9.64 0.50
CA LYS A 29 -24.00 10.21 1.26
C LYS A 29 -23.04 10.18 1.54
C LYS A 29 -22.96 10.81 2.19
N VAL A 30 -21.92 9.50 1.73
N VAL A 30 -21.88 10.08 2.45
CA VAL A 30 -21.00 9.85 2.81
CA VAL A 30 -20.87 10.54 3.39
C VAL A 30 -20.02 10.96 2.43
C VAL A 30 -19.83 11.44 2.71
N LYS A 31 -19.61 11.02 1.16
N LYS A 31 -19.59 11.23 1.41
CA LYS A 31 -18.53 11.89 0.71
CA LYS A 31 -18.51 11.91 0.71
C LYS A 31 -17.28 11.70 1.58
C LYS A 31 -17.21 11.72 1.49
N PRO A 32 -16.75 10.48 1.64
CA PRO A 32 -15.60 10.23 2.51
C PRO A 32 -14.35 10.94 2.02
N THR A 33 -13.39 11.09 2.93
CA THR A 33 -12.10 11.63 2.55
C THR A 33 -11.44 10.77 1.48
N VAL A 34 -11.54 9.45 1.61
CA VAL A 34 -10.91 8.52 0.68
C VAL A 34 -11.90 7.42 0.32
N VAL A 35 -12.16 7.25 -0.98
CA VAL A 35 -12.78 6.04 -1.51
C VAL A 35 -11.70 5.25 -2.25
N VAL A 36 -11.67 3.95 -2.02
CA VAL A 36 -10.72 3.06 -2.69
C VAL A 36 -11.33 2.51 -3.96
N ASN A 37 -10.58 2.58 -5.06
N ASN A 37 -10.59 2.57 -5.06
CA ASN A 37 -10.95 1.93 -6.31
CA ASN A 37 -10.95 1.87 -6.28
C ASN A 37 -10.19 0.62 -6.46
C ASN A 37 -10.11 0.62 -6.43
N ALA A 38 -10.88 -0.39 -7.00
N ALA A 38 -10.77 -0.49 -6.75
CA ALA A 38 -10.29 -1.66 -7.40
CA ALA A 38 -10.09 -1.73 -7.08
C ALA A 38 -9.71 -1.50 -8.80
C ALA A 38 -9.68 -1.65 -8.55
N ALA A 39 -8.51 -0.91 -8.85
N ALA A 39 -8.47 -1.16 -8.78
CA ALA A 39 -7.88 -0.50 -10.08
CA ALA A 39 -8.02 -0.77 -10.11
C ALA A 39 -7.06 -1.63 -10.70
C ALA A 39 -7.08 -1.80 -10.71
N ASN A 40 -6.73 -1.46 -11.98
N ASN A 40 -6.75 -1.60 -11.98
CA ASN A 40 -5.68 -2.24 -12.64
CA ASN A 40 -5.66 -2.31 -12.64
C ASN A 40 -4.50 -1.32 -12.93
C ASN A 40 -4.50 -1.35 -12.90
N VAL A 41 -3.38 -1.92 -13.35
CA VAL A 41 -2.14 -1.15 -13.49
C VAL A 41 -2.24 -0.04 -14.53
N TYR A 42 -3.17 -0.17 -15.48
N TYR A 42 -3.13 -0.16 -15.51
CA TYR A 42 -3.35 0.80 -16.55
CA TYR A 42 -3.29 0.88 -16.52
C TYR A 42 -4.38 1.87 -16.20
C TYR A 42 -4.40 1.86 -16.22
N LEU A 43 -5.01 1.75 -15.03
CA LEU A 43 -6.13 2.60 -14.65
C LEU A 43 -7.20 2.66 -15.73
N LYS A 44 -7.47 1.49 -16.35
N LYS A 44 -7.49 1.50 -16.33
CA LYS A 44 -8.55 1.34 -17.32
CA LYS A 44 -8.56 1.36 -17.32
C LYS A 44 -9.77 0.87 -16.55
C LYS A 44 -9.79 0.81 -16.61
N HIS A 45 -10.73 1.76 -16.36
N HIS A 45 -10.71 1.71 -16.27
CA HIS A 45 -11.84 1.53 -15.43
CA HIS A 45 -11.85 1.37 -15.41
C HIS A 45 -13.07 1.00 -16.17
C HIS A 45 -12.96 0.81 -16.28
N GLY A 46 -12.94 -0.23 -16.68
N GLY A 46 -12.97 -0.50 -16.43
CA GLY A 46 -13.93 -0.74 -17.62
CA GLY A 46 -13.91 -1.14 -17.34
C GLY A 46 -15.10 -1.48 -17.02
C GLY A 46 -15.17 -1.67 -16.68
N GLY A 47 -14.90 -2.12 -15.86
N GLY A 47 -15.05 -2.27 -15.51
CA GLY A 47 -15.91 -2.97 -15.28
CA GLY A 47 -16.19 -2.90 -14.88
C GLY A 47 -15.63 -3.18 -13.81
C GLY A 47 -16.00 -3.03 -13.40
N GLY A 48 -16.48 -4.00 -13.17
N GLY A 48 -16.96 -3.69 -12.76
CA GLY A 48 -16.37 -4.19 -11.74
CA GLY A 48 -16.89 -3.85 -11.32
C GLY A 48 -16.58 -2.89 -10.99
C GLY A 48 -16.87 -2.52 -10.61
N VAL A 49 -15.97 -2.81 -9.81
N VAL A 49 -16.07 -2.44 -9.54
CA VAL A 49 -16.03 -1.60 -9.01
CA VAL A 49 -15.95 -1.22 -8.76
C VAL A 49 -15.51 -0.41 -9.79
C VAL A 49 -15.46 -0.06 -9.63
N ALA A 50 -14.38 -0.59 -10.49
N ALA A 50 -14.42 -0.31 -10.43
CA ALA A 50 -13.77 0.52 -11.21
CA ALA A 50 -13.81 0.76 -11.21
C ALA A 50 -14.70 1.06 -12.28
C ALA A 50 -14.77 1.31 -12.25
N GLY A 51 -15.29 0.17 -13.07
N GLY A 51 -15.43 0.42 -12.99
CA GLY A 51 -16.21 0.62 -14.11
CA GLY A 51 -16.41 0.88 -13.97
C GLY A 51 -17.39 1.37 -13.51
C GLY A 51 -17.55 1.64 -13.33
N ALA A 52 -17.90 0.91 -12.37
N ALA A 52 -18.00 1.19 -12.16
CA ALA A 52 -19.04 1.56 -11.73
CA ALA A 52 -19.10 1.85 -11.46
C ALA A 52 -18.65 2.93 -11.16
C ALA A 52 -18.68 3.21 -10.92
N LEU A 53 -17.52 3.01 -10.44
N LEU A 53 -17.50 3.30 -10.31
CA LEU A 53 -17.08 4.29 -9.90
CA LEU A 53 -17.00 4.61 -9.87
C LEU A 53 -16.85 5.29 -11.02
C LEU A 53 -16.83 5.55 -11.06
N ASN A 54 -16.19 4.86 -12.10
N ASN A 54 -16.21 5.06 -12.13
CA ASN A 54 -15.91 5.78 -13.18
CA ASN A 54 -15.96 5.93 -13.27
C ASN A 54 -17.20 6.28 -13.83
C ASN A 54 -17.27 6.36 -13.94
N LYS A 55 -18.16 5.39 -14.05
N LYS A 55 -18.22 5.43 -14.08
CA LYS A 55 -19.45 5.79 -14.62
CA LYS A 55 -19.51 5.82 -14.65
C LYS A 55 -20.09 6.88 -13.79
C LYS A 55 -20.20 6.85 -13.78
N ALA A 56 -20.05 6.74 -12.45
CA ALA A 56 -20.64 7.72 -11.56
C ALA A 56 -19.98 9.09 -11.65
N THR A 57 -18.72 9.16 -12.08
CA THR A 57 -18.05 10.44 -12.33
C THR A 57 -18.25 10.96 -13.75
N ASN A 58 -19.12 10.34 -14.53
CA ASN A 58 -19.36 10.76 -15.90
C ASN A 58 -18.08 10.69 -16.74
N ASN A 59 -17.23 9.71 -16.46
CA ASN A 59 -15.97 9.43 -17.15
C ASN A 59 -14.84 10.39 -16.76
N ALA A 60 -15.06 11.32 -15.83
CA ALA A 60 -13.99 12.22 -15.43
C ALA A 60 -12.84 11.46 -14.76
N MET A 61 -13.16 10.40 -14.02
CA MET A 61 -12.10 9.56 -13.43
C MET A 61 -11.20 8.99 -14.52
N GLN A 62 -11.79 8.50 -15.62
CA GLN A 62 -10.98 7.93 -16.70
C GLN A 62 -10.12 8.98 -17.36
N VAL A 63 -10.67 10.17 -17.60
CA VAL A 63 -9.90 11.24 -18.23
C VAL A 63 -8.69 11.59 -17.37
N GLU A 64 -8.90 11.76 -16.06
CA GLU A 64 -7.80 12.06 -15.16
C GLU A 64 -6.77 10.93 -15.14
N SER A 65 -7.27 9.69 -15.14
CA SER A 65 -6.41 8.52 -15.09
C SER A 65 -5.54 8.40 -16.33
N ASP A 66 -6.11 8.70 -17.51
CA ASP A 66 -5.33 8.60 -18.74
C ASP A 66 -4.19 9.60 -18.73
N ASP A 67 -4.43 10.80 -18.21
CA ASP A 67 -3.34 11.76 -18.07
C ASP A 67 -2.29 11.27 -17.08
N TYR A 68 -2.73 10.66 -15.97
CA TYR A 68 -1.77 10.13 -14.99
C TYR A 68 -0.86 9.09 -15.62
N ILE A 69 -1.44 8.15 -16.37
CA ILE A 69 -0.64 7.09 -16.99
C ILE A 69 0.28 7.65 -18.07
N ALA A 70 -0.22 8.60 -18.86
CA ALA A 70 0.63 9.21 -19.89
C ALA A 70 1.88 9.84 -19.27
N THR A 71 1.75 10.39 -18.06
CA THR A 71 2.88 11.04 -17.40
C THR A 71 3.78 10.06 -16.66
N ASN A 72 3.18 9.08 -15.98
CA ASN A 72 3.89 8.27 -14.99
C ASN A 72 4.07 6.81 -15.38
N GLY A 73 3.37 6.32 -16.39
CA GLY A 73 3.38 4.91 -16.71
C GLY A 73 2.52 4.12 -15.75
N PRO A 74 2.44 2.81 -15.99
CA PRO A 74 1.54 1.96 -15.20
C PRO A 74 1.96 1.83 -13.74
N LEU A 75 0.97 1.56 -12.90
CA LEU A 75 1.22 1.19 -11.52
C LEU A 75 1.84 -0.21 -11.47
N LYS A 76 2.31 -0.58 -10.28
CA LYS A 76 2.71 -1.94 -9.96
C LYS A 76 1.52 -2.70 -9.38
N VAL A 77 1.46 -3.99 -9.65
CA VAL A 77 0.53 -4.84 -8.90
C VAL A 77 0.94 -4.80 -7.43
N GLY A 78 -0.02 -4.50 -6.55
CA GLY A 78 0.24 -4.24 -5.16
C GLY A 78 0.42 -2.78 -4.84
N GLY A 79 0.50 -1.90 -5.85
CA GLY A 79 0.73 -0.50 -5.64
C GLY A 79 -0.55 0.32 -5.73
N SER A 80 -0.38 1.64 -5.65
CA SER A 80 -1.51 2.55 -5.60
C SER A 80 -1.07 3.93 -6.07
N CYS A 81 -2.08 4.76 -6.32
CA CYS A 81 -1.86 6.19 -6.48
C CYS A 81 -3.11 6.92 -5.96
N VAL A 82 -2.89 8.15 -5.49
CA VAL A 82 -3.96 9.01 -5.02
C VAL A 82 -4.33 9.98 -6.14
N LEU A 83 -5.60 9.97 -6.53
CA LEU A 83 -6.11 10.91 -7.52
C LEU A 83 -7.37 11.56 -6.94
N SER A 84 -8.03 12.39 -7.74
CA SER A 84 -9.23 13.05 -7.26
C SER A 84 -10.35 12.04 -6.98
N GLY A 85 -11.19 12.37 -6.00
CA GLY A 85 -12.41 11.63 -5.77
C GLY A 85 -13.60 12.17 -6.54
N HIS A 86 -13.42 13.24 -7.30
CA HIS A 86 -14.46 13.79 -8.18
C HIS A 86 -15.68 14.09 -7.33
N ASN A 87 -16.88 13.70 -7.76
CA ASN A 87 -18.13 13.93 -7.04
C ASN A 87 -18.40 12.89 -5.97
N LEU A 88 -17.48 11.96 -5.74
CA LEU A 88 -17.73 10.83 -4.84
C LEU A 88 -17.03 10.94 -3.49
N ALA A 89 -15.90 11.64 -3.43
CA ALA A 89 -15.05 11.66 -2.25
C ALA A 89 -14.04 12.77 -2.49
N LYS A 90 -13.32 13.15 -1.44
N LYS A 90 -13.29 13.13 -1.44
CA LYS A 90 -12.22 14.09 -1.63
CA LYS A 90 -12.22 14.09 -1.63
C LYS A 90 -11.15 13.47 -2.54
C LYS A 90 -11.11 13.50 -2.50
N HIS A 91 -10.71 12.27 -2.20
CA HIS A 91 -9.67 11.56 -2.93
C HIS A 91 -10.14 10.17 -3.30
N CYS A 92 -9.59 9.64 -4.39
CA CYS A 92 -9.70 8.23 -4.71
C CYS A 92 -8.32 7.61 -4.63
N LEU A 93 -8.20 6.59 -3.79
CA LEU A 93 -7.00 5.76 -3.73
C LEU A 93 -7.19 4.59 -4.67
N HIS A 94 -6.50 4.63 -5.82
CA HIS A 94 -6.55 3.54 -6.78
C HIS A 94 -5.54 2.49 -6.34
N VAL A 95 -6.04 1.31 -5.96
CA VAL A 95 -5.19 0.23 -5.43
C VAL A 95 -5.30 -0.96 -6.36
N VAL A 96 -4.16 -1.52 -6.75
CA VAL A 96 -4.11 -2.66 -7.65
C VAL A 96 -3.88 -3.93 -6.84
N GLY A 97 -4.94 -4.70 -6.62
N GLY A 97 -4.93 -4.72 -6.66
CA GLY A 97 -4.79 -6.04 -6.10
CA GLY A 97 -4.79 -6.07 -6.16
C GLY A 97 -4.43 -6.99 -7.23
C GLY A 97 -4.44 -7.01 -7.30
N PRO A 98 -3.88 -8.15 -6.89
N PRO A 98 -3.83 -8.15 -6.98
CA PRO A 98 -3.61 -9.15 -7.93
CA PRO A 98 -3.53 -9.13 -8.04
C PRO A 98 -4.90 -9.65 -8.57
C PRO A 98 -4.80 -9.69 -8.65
N ASN A 99 -4.86 -9.86 -9.88
N ASN A 99 -4.81 -9.78 -9.98
CA ASN A 99 -5.96 -10.44 -10.63
CA ASN A 99 -5.95 -10.32 -10.74
C ASN A 99 -5.61 -11.92 -10.85
C ASN A 99 -5.66 -11.79 -11.02
N VAL A 100 -6.38 -12.81 -10.23
N VAL A 100 -6.27 -12.67 -10.22
CA VAL A 100 -6.13 -14.24 -10.35
CA VAL A 100 -6.14 -14.10 -10.41
C VAL A 100 -6.34 -14.69 -11.79
C VAL A 100 -6.58 -14.51 -11.82
N ASN A 101 -7.28 -14.08 -12.49
N ASN A 101 -7.58 -13.83 -12.37
CA ASN A 101 -7.53 -14.41 -13.88
CA ASN A 101 -7.98 -14.13 -13.75
C ASN A 101 -6.42 -13.92 -14.82
C ASN A 101 -6.96 -13.65 -14.76
N LYS A 102 -5.34 -13.33 -14.27
N LYS A 102 -6.08 -12.72 -14.37
CA LYS A 102 -4.14 -13.03 -15.02
CA LYS A 102 -4.92 -12.38 -15.17
C LYS A 102 -2.91 -13.78 -14.50
C LYS A 102 -3.69 -13.19 -14.78
N GLY A 103 -3.08 -14.68 -13.52
N GLY A 103 -3.76 -13.96 -13.69
CA GLY A 103 -1.98 -15.44 -13.00
CA GLY A 103 -2.67 -14.81 -13.27
C GLY A 103 -1.12 -14.73 -11.96
C GLY A 103 -1.63 -14.10 -12.43
N GLU A 104 -1.60 -13.64 -11.41
N GLU A 104 -2.06 -13.30 -11.45
CA GLU A 104 -0.78 -12.80 -10.53
CA GLU A 104 -1.16 -12.52 -10.63
C GLU A 104 -0.73 -13.37 -9.12
C GLU A 104 -1.13 -13.05 -9.20
N ASP A 105 0.43 -13.19 -8.48
N ASP A 105 0.07 -13.02 -8.60
CA ASP A 105 0.71 -13.79 -7.18
CA ASP A 105 0.33 -13.69 -7.34
C ASP A 105 -0.26 -13.28 -6.12
C ASP A 105 -0.58 -13.16 -6.23
N ILE A 106 -1.01 -14.19 -5.51
N ILE A 106 -1.34 -14.07 -5.62
CA ILE A 106 -1.97 -13.79 -4.49
CA ILE A 106 -2.31 -13.68 -4.60
C ILE A 106 -1.29 -13.20 -3.27
C ILE A 106 -1.63 -13.16 -3.35
N GLN A 107 -0.02 -13.55 -3.04
N GLN A 107 -0.36 -13.49 -3.11
CA GLN A 107 0.74 -12.94 -1.94
CA GLN A 107 0.36 -12.95 -1.95
C GLN A 107 0.77 -11.43 -2.08
C GLN A 107 0.58 -11.45 -2.06
N LEU A 108 0.57 -10.89 -3.28
CA LEU A 108 0.59 -9.45 -3.47
C LEU A 108 -0.63 -8.78 -2.87
N LEU A 109 -1.64 -9.55 -2.44
CA LEU A 109 -2.81 -8.95 -1.83
C LEU A 109 -2.45 -8.21 -0.54
N LYS A 110 -1.54 -8.76 0.27
CA LYS A 110 -1.15 -8.07 1.49
C LYS A 110 -0.48 -6.73 1.17
N SER A 111 0.43 -6.71 0.18
CA SER A 111 1.04 -5.46 -0.22
C SER A 111 -0.01 -4.44 -0.67
N ALA A 112 -1.03 -4.91 -1.40
CA ALA A 112 -2.09 -4.01 -1.85
C ALA A 112 -2.81 -3.38 -0.66
N TYR A 113 -3.17 -4.19 0.33
CA TYR A 113 -3.86 -3.64 1.50
C TYR A 113 -2.97 -2.71 2.32
N GLU A 114 -1.65 -2.90 2.29
CA GLU A 114 -0.77 -2.00 3.05
C GLU A 114 -0.94 -0.55 2.63
N ASN A 115 -1.35 -0.30 1.38
CA ASN A 115 -1.59 1.07 0.94
C ASN A 115 -2.65 1.75 1.79
N PHE A 116 -3.60 0.99 2.33
CA PHE A 116 -4.67 1.61 3.13
C PHE A 116 -4.11 2.27 4.39
N ASN A 117 -2.97 1.80 4.90
CA ASN A 117 -2.44 2.31 6.16
C ASN A 117 -1.93 3.73 6.04
N GLN A 118 -1.82 4.27 4.83
CA GLN A 118 -1.42 5.66 4.65
C GLN A 118 -2.58 6.63 4.80
N HIS A 119 -3.78 6.14 5.15
CA HIS A 119 -4.98 6.96 5.25
C HIS A 119 -5.72 6.57 6.51
N GLU A 120 -6.11 7.58 7.30
CA GLU A 120 -6.68 7.30 8.62
C GLU A 120 -8.04 6.61 8.53
N VAL A 121 -8.84 6.95 7.53
CA VAL A 121 -10.18 6.40 7.34
C VAL A 121 -10.43 6.21 5.85
N LEU A 122 -11.01 5.07 5.47
CA LEU A 122 -11.29 4.79 4.06
C LEU A 122 -12.60 4.05 3.90
N LEU A 123 -13.27 4.28 2.77
N LEU A 123 -13.33 4.43 2.86
CA LEU A 123 -14.31 3.41 2.26
CA LEU A 123 -14.49 3.71 2.35
C LEU A 123 -13.71 2.54 1.16
C LEU A 123 -14.00 2.89 1.16
N ALA A 124 -13.94 1.23 1.21
N ALA A 124 -14.10 1.57 1.26
CA ALA A 124 -13.20 0.34 0.32
CA ALA A 124 -13.41 0.72 0.31
C ALA A 124 -13.99 -0.90 -0.07
C ALA A 124 -14.26 -0.49 -0.06
N PRO A 125 -13.68 -1.48 -1.22
N PRO A 125 -14.00 -1.08 -1.23
CA PRO A 125 -14.14 -2.83 -1.55
CA PRO A 125 -14.54 -2.40 -1.55
C PRO A 125 -13.09 -3.83 -1.09
C PRO A 125 -13.57 -3.49 -1.11
N LEU A 126 -13.49 -5.10 -1.09
N LEU A 126 -13.97 -4.74 -1.25
CA LEU A 126 -12.53 -6.18 -0.88
CA LEU A 126 -13.07 -5.86 -0.99
C LEU A 126 -11.63 -6.33 -2.10
C LEU A 126 -12.13 -6.05 -2.18
N LEU A 127 -10.33 -6.11 -1.89
N LEU A 127 -10.83 -6.11 -1.92
CA LEU A 127 -9.37 -6.15 -2.99
CA LEU A 127 -9.85 -6.16 -2.99
C LEU A 127 -9.30 -7.55 -3.56
C LEU A 127 -9.66 -7.58 -3.54
N SER A 128 -9.19 -7.62 -4.88
N SER A 128 -9.24 -7.63 -4.81
CA SER A 128 -9.08 -8.83 -5.67
CA SER A 128 -8.90 -8.86 -5.53
C SER A 128 -10.36 -9.66 -5.68
C SER A 128 -10.06 -9.83 -5.73
N ALA A 129 -11.45 -9.14 -5.12
N ALA A 129 -11.24 -9.51 -5.22
CA ALA A 129 -12.72 -9.84 -5.17
CA ALA A 129 -12.39 -10.38 -5.35
C ALA A 129 -13.41 -9.58 -6.50
C ALA A 129 -13.10 -10.10 -6.67
N GLY A 130 -14.62 -10.11 -6.63
N GLY A 130 -14.28 -10.70 -6.86
CA GLY A 130 -15.38 -9.88 -7.85
CA GLY A 130 -15.05 -10.46 -8.07
C GLY A 130 -14.61 -10.39 -9.06
C GLY A 130 -14.32 -10.97 -9.30
N ILE A 131 -14.56 -9.56 -10.11
N ILE A 131 -14.35 -10.17 -10.37
CA ILE A 131 -13.94 -9.96 -11.37
CA ILE A 131 -13.68 -10.55 -11.61
C ILE A 131 -12.43 -10.14 -11.30
C ILE A 131 -12.16 -10.58 -11.47
N PHE A 132 -11.79 -9.76 -10.19
N PHE A 132 -11.64 -10.24 -10.29
CA PHE A 132 -10.37 -10.04 -10.01
CA PHE A 132 -10.22 -10.48 -10.03
C PHE A 132 -10.11 -11.49 -9.60
C PHE A 132 -9.96 -11.89 -9.53
N GLY A 133 -11.14 -12.27 -9.29
N GLY A 133 -10.98 -12.59 -9.04
CA GLY A 133 -11.03 -13.71 -9.24
CA GLY A 133 -10.94 -14.03 -8.92
C GLY A 133 -10.53 -14.34 -7.95
C GLY A 133 -10.52 -14.58 -7.57
N ALA A 134 -10.24 -13.56 -6.91
N ALA A 134 -10.05 -13.76 -6.65
CA ALA A 134 -9.77 -14.13 -5.66
CA ALA A 134 -9.65 -14.27 -5.34
C ALA A 134 -10.96 -14.49 -4.76
C ALA A 134 -10.89 -14.62 -4.52
N ASP A 135 -10.66 -15.25 -3.69
N ASP A 135 -10.75 -15.65 -3.69
CA ASP A 135 -11.67 -15.65 -2.72
CA ASP A 135 -11.82 -15.98 -2.76
C ASP A 135 -11.99 -14.47 -1.80
C ASP A 135 -11.97 -14.85 -1.76
N PRO A 136 -13.22 -13.93 -1.81
N PRO A 136 -13.18 -14.30 -1.60
CA PRO A 136 -13.51 -12.77 -0.94
CA PRO A 136 -13.34 -13.17 -0.67
C PRO A 136 -13.35 -13.06 0.55
C PRO A 136 -12.99 -13.50 0.77
N ILE A 137 -13.59 -14.29 1.00
N ILE A 137 -13.14 -14.75 1.20
CA ILE A 137 -13.36 -14.60 2.41
CA ILE A 137 -12.75 -15.11 2.56
C ILE A 137 -11.88 -14.41 2.75
C ILE A 137 -11.27 -14.84 2.76
N HIS A 138 -11.00 -14.82 1.84
N HIS A 138 -10.44 -15.24 1.81
CA HIS A 138 -9.58 -14.60 2.04
CA HIS A 138 -9.02 -14.96 1.88
C HIS A 138 -9.23 -13.13 2.00
C HIS A 138 -8.75 -13.47 1.97
N SER A 139 -9.77 -12.40 1.02
N SER A 139 -9.53 -12.66 1.24
CA SER A 139 -9.51 -10.96 0.94
CA SER A 139 -9.25 -11.23 1.16
C SER A 139 -9.85 -10.28 2.25
C SER A 139 -9.70 -10.48 2.41
N LEU A 140 -10.93 -10.72 2.89
CA LEU A 140 -11.35 -10.10 4.16
C LEU A 140 -10.36 -10.42 5.27
N ARG A 141 -9.87 -11.67 5.30
CA ARG A 141 -8.89 -12.07 6.29
C ARG A 141 -7.61 -11.23 6.15
N VAL A 142 -7.11 -11.10 4.92
CA VAL A 142 -5.90 -10.29 4.72
C VAL A 142 -6.15 -8.84 5.12
N CYS A 143 -7.32 -8.30 4.78
CA CYS A 143 -7.64 -6.94 5.17
C CYS A 143 -7.53 -6.76 6.68
N VAL A 144 -8.21 -7.63 7.43
CA VAL A 144 -8.24 -7.49 8.88
C VAL A 144 -6.85 -7.64 9.48
N ASP A 145 -6.03 -8.52 8.90
CA ASP A 145 -4.69 -8.78 9.41
C ASP A 145 -3.62 -7.82 8.88
N THR A 146 -3.98 -6.87 8.02
CA THR A 146 -3.01 -5.96 7.41
C THR A 146 -3.33 -4.51 7.67
N VAL A 147 -4.59 -4.11 7.52
CA VAL A 147 -4.98 -2.72 7.68
C VAL A 147 -5.13 -2.41 9.15
N ARG A 148 -4.47 -1.34 9.59
CA ARG A 148 -4.55 -0.86 10.96
C ARG A 148 -5.34 0.43 11.10
N THR A 149 -5.57 1.14 10.00
CA THR A 149 -6.39 2.33 9.98
C THR A 149 -7.87 1.91 9.86
N ASN A 150 -8.76 2.88 9.92
CA ASN A 150 -10.19 2.59 10.03
C ASN A 150 -10.78 2.39 8.63
N VAL A 151 -11.20 1.16 8.34
CA VAL A 151 -11.69 0.81 7.01
C VAL A 151 -13.14 0.37 7.09
N TYR A 152 -13.95 0.96 6.22
CA TYR A 152 -15.38 0.68 6.05
C TYR A 152 -15.52 -0.05 4.73
N LEU A 153 -15.84 -1.33 4.79
N LEU A 153 -15.73 -1.38 4.81
CA LEU A 153 -15.98 -2.16 3.60
CA LEU A 153 -15.70 -2.29 3.66
C LEU A 153 -17.43 -2.17 3.12
C LEU A 153 -17.10 -2.57 3.15
N ALA A 154 -17.62 -1.83 1.85
N ALA A 154 -17.26 -2.57 1.83
CA ALA A 154 -18.91 -1.96 1.18
CA ALA A 154 -18.54 -2.82 1.18
C ALA A 154 -18.88 -3.21 0.32
C ALA A 154 -18.46 -4.07 0.30
N VAL A 155 -19.85 -4.10 0.53
N VAL A 155 -19.42 -4.96 0.48
CA VAL A 155 -19.97 -5.35 -0.21
CA VAL A 155 -19.51 -6.22 -0.27
C VAL A 155 -21.28 -5.29 -0.99
C VAL A 155 -20.83 -6.20 -1.04
N PHE A 156 -21.17 -5.32 -2.32
N PHE A 156 -20.76 -6.35 -2.35
CA PHE A 156 -22.32 -5.14 -3.18
CA PHE A 156 -21.92 -6.10 -3.20
C PHE A 156 -23.32 -6.27 -3.05
C PHE A 156 -22.98 -7.20 -3.08
N ASP A 157 -22.84 -7.52 -3.10
N ASP A 157 -22.56 -8.46 -3.10
CA ASP A 157 -23.72 -8.67 -3.18
CA ASP A 157 -23.51 -9.57 -3.12
C ASP A 157 -24.24 -9.03 -1.80
C ASP A 157 -23.89 -9.98 -1.70
N LYS A 158 -25.56 -9.08 -1.63
N LYS A 158 -25.21 -10.08 -1.45
CA LYS A 158 -26.13 -9.40 -0.33
CA LYS A 158 -25.68 -10.38 -0.11
C LYS A 158 -25.77 -10.83 0.09
C LYS A 158 -25.26 -11.77 0.34
N ASN A 159 -25.87 -11.78 -0.85
N ASN A 159 -25.38 -12.77 -0.55
CA ASN A 159 -25.52 -13.15 -0.51
CA ASN A 159 -25.07 -14.13 -0.14
C ASN A 159 -24.07 -13.26 -0.06
C ASN A 159 -23.58 -14.29 0.20
N LEU A 160 -23.15 -12.58 -0.74
N LEU A 160 -22.71 -13.65 -0.58
CA LEU A 160 -21.76 -12.62 -0.33
CA LEU A 160 -21.28 -13.73 -0.27
C LEU A 160 -21.57 -11.97 1.04
C LEU A 160 -20.93 -12.96 0.99
N TYR A 161 -22.21 -10.83 1.26
N TYR A 161 -21.58 -11.81 1.21
CA TYR A 161 -22.10 -10.15 2.56
CA TYR A 161 -21.41 -11.10 2.47
C TYR A 161 -22.48 -11.08 3.70
C TYR A 161 -21.81 -11.97 3.65
N ASP A 162 -23.61 -11.79 3.56
N ASP A 162 -22.95 -12.68 3.52
CA ASP A 162 -24.04 -12.69 4.63
CA ASP A 162 -23.37 -13.58 4.59
C ASP A 162 -23.04 -13.81 4.85
C ASP A 162 -22.34 -14.68 4.80
N LYS A 163 -22.45 -14.32 3.76
N LYS A 163 -21.76 -15.20 3.72
CA LYS A 163 -21.45 -15.37 3.91
CA LYS A 163 -20.73 -16.22 3.84
C LYS A 163 -20.20 -14.83 4.60
C LYS A 163 -19.51 -15.68 4.57
N LEU A 164 -19.81 -13.60 4.27
N LEU A 164 -19.08 -14.46 4.22
CA LEU A 164 -18.61 -13.01 4.88
CA LEU A 164 -17.90 -13.87 4.85
C LEU A 164 -18.82 -12.80 6.38
C LEU A 164 -18.11 -13.70 6.34
N VAL A 165 -19.98 -12.30 6.76
N VAL A 165 -19.26 -13.14 6.72
CA VAL A 165 -20.29 -12.11 8.18
CA VAL A 165 -19.56 -12.90 8.14
C VAL A 165 -20.34 -13.46 8.89
C VAL A 165 -19.60 -14.23 8.89
N SER A 166 -21.08 -14.43 8.32
N SER A 166 -20.29 -15.21 8.33
CA SER A 166 -21.32 -15.68 9.02
CA SER A 166 -20.56 -16.47 9.02
C SER A 166 -20.06 -16.53 9.17
C SER A 166 -19.43 -17.49 8.86
N SER A 167 -19.07 -16.34 8.29
N SER A 167 -18.30 -17.12 8.23
CA SER A 167 -17.86 -17.15 8.33
CA SER A 167 -17.14 -17.99 8.18
C SER A 167 -16.68 -16.43 8.97
C SER A 167 -15.88 -17.28 8.68
N PHE A 168 -16.88 -15.22 9.49
N PHE A 168 -16.01 -16.07 9.17
CA PHE A 168 -15.78 -14.42 10.00
CA PHE A 168 -14.86 -15.30 9.63
C PHE A 168 -15.29 -14.94 11.33
C PHE A 168 -14.37 -15.82 10.98
N LEU A 169 -13.98 -15.17 11.43
N LEU A 169 -13.05 -15.99 11.09
CA LEU A 169 -13.40 -15.64 12.69
CA LEU A 169 -12.46 -16.46 12.34
C LEU A 169 -12.94 -14.44 13.52
C LEU A 169 -11.77 -15.30 13.05
N SER B 1 26.60 -5.97 -17.26
N SER B 1 26.43 -6.07 -17.25
CA SER B 1 26.85 -5.12 -16.08
CA SER B 1 26.77 -5.19 -16.11
C SER B 1 26.32 -5.74 -14.80
C SER B 1 26.30 -5.79 -14.80
N MET B 2 26.92 -5.34 -13.69
N MET B 2 26.88 -5.33 -13.70
CA MET B 2 26.61 -5.87 -12.37
CA MET B 2 26.61 -5.85 -12.37
C MET B 2 25.79 -4.83 -11.60
C MET B 2 25.80 -4.83 -11.59
N VAL B 3 24.56 -5.21 -11.24
CA VAL B 3 23.71 -4.41 -10.38
C VAL B 3 23.20 -5.33 -9.27
N ASN B 4 22.86 -4.73 -8.13
CA ASN B 4 22.36 -5.49 -6.99
C ASN B 4 23.31 -6.62 -6.60
N SER B 5 24.62 -6.34 -6.60
N SER B 5 24.61 -6.34 -6.61
CA SER B 5 25.62 -7.34 -6.28
CA SER B 5 25.63 -7.33 -6.28
C SER B 5 26.01 -7.17 -4.82
C SER B 5 26.00 -7.14 -4.81
N PHE B 6 25.14 -7.65 -3.94
CA PHE B 6 25.37 -7.57 -2.49
C PHE B 6 26.30 -8.70 -2.08
N SER B 7 27.30 -8.37 -1.26
CA SER B 7 28.26 -9.35 -0.79
C SER B 7 28.63 -9.09 0.67
N GLY B 8 28.89 -10.18 1.40
N GLY B 8 28.90 -10.18 1.39
CA GLY B 8 29.30 -10.06 2.77
CA GLY B 8 29.30 -10.06 2.77
C GLY B 8 28.18 -9.86 3.76
C GLY B 8 28.17 -9.83 3.75
N TYR B 9 26.93 -10.11 3.36
CA TYR B 9 25.79 -9.93 4.26
C TYR B 9 25.51 -11.19 5.05
N LEU B 10 25.05 -10.98 6.27
CA LEU B 10 24.63 -12.05 7.16
C LEU B 10 23.12 -12.21 7.03
N LYS B 11 22.68 -13.44 6.80
N LYS B 11 22.67 -13.44 6.85
CA LYS B 11 21.26 -13.73 6.66
CA LYS B 11 21.26 -13.74 6.65
C LYS B 11 20.61 -13.78 8.03
C LYS B 11 20.55 -13.84 8.01
N LEU B 12 19.58 -12.97 8.25
CA LEU B 12 18.78 -13.00 9.47
C LEU B 12 17.49 -13.79 9.27
N THR B 13 16.76 -13.52 8.20
CA THR B 13 15.58 -14.26 7.81
C THR B 13 15.68 -14.56 6.32
N ASP B 14 14.65 -15.20 5.78
CA ASP B 14 14.66 -15.53 4.36
C ASP B 14 14.82 -14.31 3.48
N ASN B 15 14.41 -13.13 3.96
CA ASN B 15 14.44 -11.93 3.13
C ASN B 15 15.16 -10.73 3.74
N VAL B 16 15.72 -10.84 4.93
CA VAL B 16 16.39 -9.73 5.60
C VAL B 16 17.85 -10.12 5.85
N TYR B 17 18.76 -9.29 5.36
CA TYR B 17 20.20 -9.49 5.44
C TYR B 17 20.83 -8.26 6.07
N ILE B 18 22.01 -8.42 6.69
CA ILE B 18 22.60 -7.30 7.42
C ILE B 18 24.13 -7.32 7.27
N LYS B 19 24.73 -6.14 7.23
CA LYS B 19 26.17 -5.99 7.06
C LYS B 19 26.65 -4.78 7.83
N ASN B 20 27.86 -4.89 8.40
CA ASN B 20 28.53 -3.75 9.02
C ASN B 20 29.21 -2.98 7.88
N ALA B 21 28.63 -1.84 7.49
CA ALA B 21 29.13 -1.12 6.33
C ALA B 21 28.59 0.30 6.32
N ASP B 22 29.32 1.15 5.59
CA ASP B 22 28.92 2.52 5.28
C ASP B 22 27.99 2.46 4.07
N ILE B 23 26.74 2.92 4.25
CA ILE B 23 25.73 2.73 3.20
C ILE B 23 26.10 3.44 1.90
N VAL B 24 26.83 4.55 1.98
CA VAL B 24 27.28 5.24 0.76
C VAL B 24 28.30 4.40 0.02
N GLU B 25 29.30 3.89 0.73
CA GLU B 25 30.28 3.01 0.10
C GLU B 25 29.62 1.76 -0.44
N GLU B 26 28.65 1.22 0.30
N GLU B 26 28.65 1.21 0.32
CA GLU B 26 27.92 0.03 -0.18
CA GLU B 26 27.91 0.04 -0.16
C GLU B 26 27.16 0.35 -1.46
C GLU B 26 27.16 0.35 -1.45
N ALA B 27 26.46 1.48 -1.49
CA ALA B 27 25.70 1.84 -2.69
C ALA B 27 26.61 1.93 -3.91
N LYS B 28 27.79 2.54 -3.75
CA LYS B 28 28.69 2.68 -4.89
C LYS B 28 29.24 1.33 -5.36
N LYS B 29 29.39 0.38 -4.43
N LYS B 29 29.37 0.38 -4.43
CA LYS B 29 29.91 -0.93 -4.77
CA LYS B 29 29.91 -0.93 -4.77
C LYS B 29 28.82 -1.85 -5.34
C LYS B 29 28.82 -1.85 -5.34
N VAL B 30 27.67 -1.89 -4.68
CA VAL B 30 26.60 -2.84 -5.02
C VAL B 30 25.84 -2.44 -6.27
N LYS B 31 25.74 -1.15 -6.54
CA LYS B 31 24.96 -0.60 -7.64
C LYS B 31 23.51 -1.05 -7.50
N PRO B 32 22.84 -0.72 -6.41
CA PRO B 32 21.46 -1.21 -6.19
C PRO B 32 20.46 -0.47 -7.07
N THR B 33 19.38 -1.18 -7.40
CA THR B 33 18.23 -0.53 -8.02
C THR B 33 17.64 0.52 -7.10
N VAL B 34 17.61 0.25 -5.78
CA VAL B 34 16.98 1.15 -4.83
C VAL B 34 17.87 1.30 -3.61
N VAL B 35 18.21 2.52 -3.25
CA VAL B 35 18.77 2.83 -1.94
C VAL B 35 17.70 3.60 -1.16
N VAL B 36 17.50 3.22 0.10
CA VAL B 36 16.55 3.90 0.96
C VAL B 36 17.24 5.03 1.71
N ASN B 37 16.61 6.20 1.71
CA ASN B 37 17.03 7.30 2.55
C ASN B 37 16.15 7.38 3.80
N ALA B 38 16.78 7.66 4.93
CA ALA B 38 16.11 7.98 6.20
C ALA B 38 15.71 9.45 6.15
N ALA B 39 14.57 9.71 5.49
CA ALA B 39 14.11 11.04 5.16
C ALA B 39 13.22 11.63 6.25
N ASN B 40 12.99 12.94 6.16
CA ASN B 40 11.95 13.64 6.90
C ASN B 40 10.92 14.20 5.91
N VAL B 41 9.81 14.73 6.44
CA VAL B 41 8.67 15.03 5.58
C VAL B 41 8.97 16.13 4.56
N TYR B 42 9.91 17.03 4.86
CA TYR B 42 10.28 18.08 3.92
C TYR B 42 11.53 17.76 3.11
N LEU B 43 12.01 16.52 3.20
CA LEU B 43 13.18 16.08 2.44
C LEU B 43 14.34 17.04 2.60
N LYS B 44 14.58 17.47 3.85
CA LYS B 44 15.72 18.30 4.20
C LYS B 44 16.80 17.36 4.73
N HIS B 45 17.82 17.13 3.91
CA HIS B 45 18.79 16.06 4.14
C HIS B 45 19.99 16.59 4.92
N GLY B 46 19.75 16.86 6.19
CA GLY B 46 20.74 17.51 7.03
C GLY B 46 21.77 16.61 7.67
N GLY B 47 21.32 15.56 8.36
CA GLY B 47 22.18 14.79 9.24
C GLY B 47 22.05 13.31 8.99
N GLY B 48 22.86 12.55 9.72
CA GLY B 48 22.77 11.09 9.67
C GLY B 48 22.86 10.58 8.24
N VAL B 49 22.04 9.56 7.95
CA VAL B 49 22.06 8.92 6.64
C VAL B 49 21.74 9.91 5.54
N ALA B 50 20.70 10.73 5.72
CA ALA B 50 20.29 11.64 4.66
C ALA B 50 21.40 12.63 4.33
N GLY B 51 22.06 13.16 5.34
CA GLY B 51 23.17 14.08 5.08
C GLY B 51 24.29 13.41 4.30
N ALA B 52 24.61 12.15 4.65
CA ALA B 52 25.67 11.45 3.95
C ALA B 52 25.30 11.14 2.50
N LEU B 53 24.07 10.67 2.26
CA LEU B 53 23.65 10.39 0.89
C LEU B 53 23.67 11.67 0.06
N ASN B 54 23.11 12.75 0.60
CA ASN B 54 23.07 13.98 -0.17
C ASN B 54 24.48 14.50 -0.46
N LYS B 55 25.37 14.45 0.52
CA LYS B 55 26.74 14.89 0.28
C LYS B 55 27.39 14.08 -0.83
N ALA B 56 27.13 12.77 -0.87
CA ALA B 56 27.71 11.94 -1.92
C ALA B 56 27.24 12.37 -3.31
N THR B 57 26.02 12.89 -3.40
CA THR B 57 25.49 13.38 -4.67
C THR B 57 25.91 14.82 -4.97
N ASN B 58 26.80 15.40 -4.16
CA ASN B 58 27.21 16.79 -4.34
C ASN B 58 26.01 17.73 -4.34
N ASN B 59 25.05 17.47 -3.45
CA ASN B 59 23.85 18.28 -3.21
C ASN B 59 22.80 18.13 -4.30
N ALA B 60 23.01 17.29 -5.32
CA ALA B 60 21.99 17.11 -6.35
C ALA B 60 20.71 16.53 -5.77
N MET B 61 20.82 15.65 -4.79
CA MET B 61 19.64 15.10 -4.15
C MET B 61 18.82 16.20 -3.49
N GLN B 62 19.47 17.14 -2.81
CA GLN B 62 18.73 18.20 -2.14
C GLN B 62 18.04 19.12 -3.14
N VAL B 63 18.71 19.46 -4.24
CA VAL B 63 18.07 20.31 -5.24
C VAL B 63 16.84 19.63 -5.81
N GLU B 64 16.98 18.35 -6.17
CA GLU B 64 15.85 17.59 -6.70
C GLU B 64 14.72 17.50 -5.67
N SER B 65 15.08 17.31 -4.40
CA SER B 65 14.10 17.18 -3.33
C SER B 65 13.32 18.46 -3.12
N ASP B 66 14.01 19.62 -3.13
CA ASP B 66 13.32 20.88 -2.95
C ASP B 66 12.30 21.12 -4.07
N ASP B 67 12.66 20.76 -5.30
CA ASP B 67 11.71 20.88 -6.40
C ASP B 67 10.52 19.95 -6.21
N TYR B 68 10.77 18.71 -5.77
CA TYR B 68 9.67 17.79 -5.48
C TYR B 68 8.71 18.39 -4.47
N ILE B 69 9.25 18.98 -3.40
CA ILE B 69 8.41 19.57 -2.36
C ILE B 69 7.62 20.76 -2.88
N ALA B 70 8.25 21.61 -3.70
CA ALA B 70 7.53 22.73 -4.27
C ALA B 70 6.30 22.26 -5.05
N THR B 71 6.43 21.15 -5.77
CA THR B 71 5.34 20.67 -6.61
C THR B 71 4.30 19.88 -5.81
N ASN B 72 4.74 19.10 -4.83
CA ASN B 72 3.89 18.10 -4.18
C ASN B 72 3.59 18.35 -2.72
N GLY B 73 4.32 19.23 -2.05
CA GLY B 73 4.17 19.41 -0.63
C GLY B 73 4.84 18.30 0.15
N PRO B 74 4.81 18.41 1.48
CA PRO B 74 5.55 17.45 2.32
C PRO B 74 4.91 16.07 2.30
N LEU B 75 5.76 15.08 2.58
CA LEU B 75 5.32 13.71 2.80
C LEU B 75 4.59 13.60 4.13
N LYS B 76 3.96 12.44 4.36
CA LYS B 76 3.43 12.05 5.66
C LYS B 76 4.47 11.22 6.40
N VAL B 77 4.50 11.34 7.73
CA VAL B 77 5.26 10.38 8.53
C VAL B 77 4.68 9.00 8.26
N GLY B 78 5.56 8.06 7.91
CA GLY B 78 5.18 6.73 7.49
C GLY B 78 5.10 6.56 5.99
N GLY B 79 5.22 7.65 5.22
CA GLY B 79 5.12 7.61 3.77
C GLY B 79 6.49 7.66 3.10
N SER B 80 6.44 7.74 1.77
CA SER B 80 7.67 7.70 0.97
C SER B 80 7.44 8.34 -0.38
N CYS B 81 8.55 8.62 -1.07
CA CYS B 81 8.50 8.93 -2.49
C CYS B 81 9.75 8.37 -3.15
N VAL B 82 9.63 8.11 -4.45
CA VAL B 82 10.73 7.63 -5.27
C VAL B 82 11.30 8.80 -6.06
N LEU B 83 12.60 9.04 -5.91
CA LEU B 83 13.33 10.05 -6.67
C LEU B 83 14.56 9.39 -7.29
N SER B 84 15.38 10.19 -7.98
CA SER B 84 16.58 9.64 -8.58
C SER B 84 17.55 9.15 -7.51
N GLY B 85 18.32 8.13 -7.86
CA GLY B 85 19.43 7.68 -7.05
C GLY B 85 20.76 8.30 -7.40
N HIS B 86 20.84 9.17 -8.41
CA HIS B 86 22.06 9.96 -8.70
C HIS B 86 23.23 9.00 -8.91
N ASN B 87 24.35 9.18 -8.21
CA ASN B 87 25.52 8.32 -8.34
C ASN B 87 25.50 7.16 -7.37
N LEU B 88 24.38 6.92 -6.71
CA LEU B 88 24.26 5.90 -5.67
C LEU B 88 23.44 4.68 -6.08
N ALA B 89 22.45 4.86 -6.95
CA ALA B 89 21.47 3.82 -7.22
C ALA B 89 20.64 4.29 -8.40
N LYS B 90 19.85 3.38 -8.97
CA LYS B 90 18.89 3.81 -9.97
C LYS B 90 17.90 4.78 -9.35
N HIS B 91 17.34 4.41 -8.19
CA HIS B 91 16.33 5.19 -7.49
C HIS B 91 16.73 5.36 -6.04
N CYS B 92 16.32 6.46 -5.45
CA CYS B 92 16.32 6.60 -4.00
C CYS B 92 14.87 6.61 -3.51
N LEU B 93 14.55 5.67 -2.61
CA LEU B 93 13.26 5.65 -1.93
C LEU B 93 13.41 6.42 -0.64
N HIS B 94 12.84 7.62 -0.58
CA HIS B 94 12.87 8.46 0.61
C HIS B 94 11.74 8.02 1.51
N VAL B 95 12.05 7.42 2.67
CA VAL B 95 11.05 6.89 3.58
C VAL B 95 11.12 7.66 4.89
N VAL B 96 9.97 8.11 5.39
CA VAL B 96 9.91 8.87 6.63
C VAL B 96 9.47 7.95 7.77
N GLY B 97 10.42 7.55 8.60
CA GLY B 97 10.08 6.90 9.86
C GLY B 97 9.78 7.93 10.91
N PRO B 98 9.09 7.53 11.97
CA PRO B 98 8.85 8.46 13.09
C PRO B 98 10.15 8.85 13.78
N ASN B 99 10.26 10.13 14.12
CA ASN B 99 11.40 10.65 14.86
C ASN B 99 10.98 10.76 16.32
N VAL B 100 11.43 9.79 17.14
CA VAL B 100 11.11 9.78 18.55
C VAL B 100 11.72 10.98 19.27
N ASN B 101 12.87 11.46 18.79
CA ASN B 101 13.48 12.66 19.38
C ASN B 101 12.63 13.90 19.14
N LYS B 102 11.64 13.83 18.26
CA LYS B 102 10.71 14.92 18.01
C LYS B 102 9.30 14.60 18.53
N GLY B 103 9.14 13.54 19.30
CA GLY B 103 7.87 13.21 19.89
C GLY B 103 6.90 12.48 18.99
N GLU B 104 7.37 11.97 17.84
CA GLU B 104 6.48 11.31 16.90
C GLU B 104 6.24 9.86 17.33
N ASP B 105 5.08 9.35 16.93
CA ASP B 105 4.61 8.07 17.46
C ASP B 105 5.40 6.91 16.86
N ILE B 106 6.13 6.19 17.71
CA ILE B 106 6.89 5.02 17.28
C ILE B 106 5.99 4.01 16.58
N GLN B 107 4.69 4.03 16.84
CA GLN B 107 3.78 3.08 16.21
C GLN B 107 3.78 3.22 14.68
N LEU B 108 4.17 4.37 14.14
CA LEU B 108 4.19 4.61 12.70
C LEU B 108 5.34 3.91 11.98
N LEU B 109 6.22 3.25 12.73
CA LEU B 109 7.36 2.60 12.13
C LEU B 109 6.94 1.45 11.21
N LYS B 110 5.89 0.72 11.57
CA LYS B 110 5.44 -0.37 10.71
C LYS B 110 4.98 0.17 9.35
N SER B 111 4.18 1.23 9.36
CA SER B 111 3.74 1.85 8.11
C SER B 111 4.94 2.29 7.27
N ALA B 112 5.96 2.86 7.91
CA ALA B 112 7.15 3.27 7.18
C ALA B 112 7.81 2.08 6.49
N TYR B 113 7.98 0.97 7.20
CA TYR B 113 8.60 -0.20 6.59
C TYR B 113 7.75 -0.80 5.48
N GLU B 114 6.42 -0.67 5.54
CA GLU B 114 5.57 -1.22 4.49
C GLU B 114 5.94 -0.66 3.12
N ASN B 115 6.50 0.56 3.06
CA ASN B 115 6.92 1.11 1.77
C ASN B 115 7.93 0.21 1.08
N PHE B 116 8.76 -0.50 1.86
CA PHE B 116 9.78 -1.35 1.26
C PHE B 116 9.17 -2.46 0.41
N ASN B 117 7.94 -2.89 0.74
CA ASN B 117 7.33 -4.01 0.02
C ASN B 117 6.96 -3.67 -1.42
N GLN B 118 7.05 -2.41 -1.81
CA GLN B 118 6.80 -2.02 -3.20
C GLN B 118 8.04 -2.19 -4.08
N HIS B 119 9.14 -2.72 -3.55
CA HIS B 119 10.39 -2.88 -4.28
C HIS B 119 10.95 -4.26 -4.01
N GLU B 120 11.35 -4.97 -5.06
N GLU B 120 11.36 -4.97 -5.06
CA GLU B 120 11.76 -6.36 -4.88
CA GLU B 120 11.75 -6.37 -4.88
C GLU B 120 13.04 -6.51 -4.09
C GLU B 120 13.05 -6.51 -4.11
N VAL B 121 13.96 -5.55 -4.21
CA VAL B 121 15.24 -5.58 -3.49
C VAL B 121 15.68 -4.15 -3.20
N LEU B 122 16.19 -3.93 -1.98
CA LEU B 122 16.60 -2.60 -1.52
C LEU B 122 17.85 -2.70 -0.67
N LEU B 123 18.70 -1.68 -0.78
CA LEU B 123 19.75 -1.38 0.19
C LEU B 123 19.20 -0.32 1.14
N ALA B 124 19.28 -0.55 2.46
CA ALA B 124 18.56 0.32 3.38
C ALA B 124 19.29 0.48 4.70
N PRO B 125 19.03 1.58 5.40
CA PRO B 125 19.36 1.72 6.82
C PRO B 125 18.18 1.26 7.66
N LEU B 126 18.42 1.09 8.96
CA LEU B 126 17.33 0.83 9.89
C LEU B 126 16.52 2.11 10.12
N LEU B 127 15.22 2.05 9.83
CA LEU B 127 14.39 3.24 9.94
C LEU B 127 14.22 3.65 11.40
N SER B 128 14.15 4.96 11.59
CA SER B 128 13.96 5.60 12.88
C SER B 128 15.13 5.39 13.85
N ALA B 129 16.24 4.77 13.41
CA ALA B 129 17.41 4.60 14.24
C ALA B 129 18.24 5.88 14.28
N GLY B 130 19.30 5.83 15.10
CA GLY B 130 20.29 6.90 15.08
C GLY B 130 19.69 8.20 15.53
N ILE B 131 19.86 9.24 14.71
CA ILE B 131 19.38 10.57 15.07
C ILE B 131 17.87 10.64 15.17
N PHE B 132 17.14 9.64 14.68
CA PHE B 132 15.69 9.59 14.84
C PHE B 132 15.26 9.04 16.20
N GLY B 133 16.16 8.43 16.97
CA GLY B 133 15.92 8.18 18.38
C GLY B 133 15.24 6.87 18.76
N ALA B 134 14.83 6.03 17.82
CA ALA B 134 14.20 4.76 18.19
C ALA B 134 15.26 3.74 18.57
N ASP B 135 14.83 2.73 19.32
CA ASP B 135 15.71 1.61 19.65
C ASP B 135 16.01 0.83 18.38
N PRO B 136 17.27 0.74 17.95
CA PRO B 136 17.55 0.01 16.71
C PRO B 136 17.17 -1.46 16.79
N ILE B 137 17.20 -2.07 17.98
CA ILE B 137 16.75 -3.45 18.13
C ILE B 137 15.27 -3.55 17.77
N HIS B 138 14.48 -2.58 18.19
CA HIS B 138 13.07 -2.56 17.82
C HIS B 138 12.90 -2.31 16.34
N SER B 139 13.69 -1.41 15.76
CA SER B 139 13.56 -1.15 14.33
C SER B 139 13.83 -2.42 13.53
N LEU B 140 14.85 -3.19 13.92
CA LEU B 140 15.14 -4.44 13.24
C LEU B 140 13.96 -5.42 13.38
N ARG B 141 13.37 -5.48 14.58
CA ARG B 141 12.19 -6.31 14.82
C ARG B 141 11.06 -5.95 13.86
N VAL B 142 10.73 -4.66 13.79
CA VAL B 142 9.65 -4.23 12.91
C VAL B 142 10.00 -4.53 11.45
N CYS B 143 11.27 -4.31 11.08
CA CYS B 143 11.69 -4.62 9.72
C CYS B 143 11.41 -6.09 9.40
N VAL B 144 11.88 -6.99 10.24
CA VAL B 144 11.73 -8.42 9.96
C VAL B 144 10.26 -8.83 9.94
N ASP B 145 9.43 -8.21 10.78
CA ASP B 145 8.03 -8.57 10.88
C ASP B 145 7.16 -7.88 9.85
N THR B 146 7.71 -6.97 9.04
CA THR B 146 6.92 -6.18 8.11
C THR B 146 7.36 -6.32 6.66
N VAL B 147 8.67 -6.30 6.42
CA VAL B 147 9.19 -6.35 5.07
C VAL B 147 9.20 -7.80 4.61
N ARG B 148 8.66 -8.04 3.41
CA ARG B 148 8.67 -9.34 2.77
C ARG B 148 9.55 -9.40 1.54
N THR B 149 9.90 -8.26 0.95
CA THR B 149 10.84 -8.20 -0.15
C THR B 149 12.27 -8.26 0.41
N ASN B 150 13.26 -8.28 -0.48
CA ASN B 150 14.63 -8.55 -0.06
C ASN B 150 15.29 -7.25 0.36
N VAL B 151 15.61 -7.13 1.65
CA VAL B 151 16.19 -5.92 2.20
C VAL B 151 17.57 -6.24 2.76
N TYR B 152 18.55 -5.43 2.32
CA TYR B 152 19.95 -5.52 2.69
C TYR B 152 20.25 -4.31 3.57
N LEU B 153 20.42 -4.54 4.87
CA LEU B 153 20.60 -3.48 5.86
C LEU B 153 22.09 -3.19 6.07
N ALA B 154 22.44 -1.91 6.01
CA ALA B 154 23.79 -1.44 6.28
C ALA B 154 23.82 -0.77 7.64
N VAL B 155 24.69 -1.24 8.51
CA VAL B 155 24.86 -0.69 9.85
C VAL B 155 26.31 -0.22 9.97
N PHE B 156 26.49 1.09 10.19
CA PHE B 156 27.82 1.68 10.14
C PHE B 156 28.69 1.25 11.32
N ASP B 157 28.18 1.32 12.54
CA ASP B 157 29.00 1.08 13.72
C ASP B 157 29.08 -0.41 14.01
N LYS B 158 30.30 -0.97 13.97
CA LYS B 158 30.51 -2.38 14.30
C LYS B 158 29.89 -2.76 15.65
N ASN B 159 29.96 -1.88 16.64
CA ASN B 159 29.45 -2.22 17.96
C ASN B 159 27.92 -2.32 17.96
N LEU B 160 27.24 -1.47 17.19
CA LEU B 160 25.80 -1.59 17.07
C LEU B 160 25.44 -2.83 16.25
N TYR B 161 26.19 -3.06 15.17
CA TYR B 161 25.98 -4.26 14.37
C TYR B 161 26.04 -5.51 15.25
N ASP B 162 27.07 -5.61 16.09
CA ASP B 162 27.20 -6.78 16.96
C ASP B 162 26.03 -6.90 17.92
N LYS B 163 25.57 -5.77 18.48
CA LYS B 163 24.43 -5.79 19.38
C LYS B 163 23.17 -6.27 18.67
N LEU B 164 22.97 -5.82 17.43
CA LEU B 164 21.80 -6.21 16.65
C LEU B 164 21.83 -7.70 16.32
N VAL B 165 22.97 -8.19 15.82
CA VAL B 165 23.07 -9.59 15.42
C VAL B 165 23.01 -10.50 16.63
N SER B 166 23.80 -10.18 17.67
CA SER B 166 23.91 -11.07 18.81
C SER B 166 22.59 -11.18 19.57
N SER B 167 21.73 -10.15 19.52
CA SER B 167 20.46 -10.17 20.24
C SER B 167 19.28 -10.59 19.37
N PHE B 168 19.46 -10.77 18.06
CA PHE B 168 18.33 -11.09 17.20
C PHE B 168 17.79 -12.49 17.49
N LEU B 169 18.68 -13.42 17.83
CA LEU B 169 18.31 -14.80 18.10
C LEU B 169 19.20 -15.44 19.16
#